data_7EV4
#
_entry.id   7EV4
#
_cell.length_a   115.597
_cell.length_b   115.597
_cell.length_c   135.482
_cell.angle_alpha   90.000
_cell.angle_beta   90.000
_cell.angle_gamma   120.000
#
_symmetry.space_group_name_H-M   'P 6'
#
loop_
_entity.id
_entity.type
_entity.pdbx_description
1 polymer 'Endopeptidase La'
2 polymer 'F-b20-Q peptide {ortho-aminobenzoic acid (Abz)- QLRSLNGEWRFAWFPAPEAV[Tyr(3-NO2)]A}'
3 non-polymer 'PHOSPHATE ION'
4 water water
#
loop_
_entity_poly.entity_id
_entity_poly.type
_entity_poly.pdbx_seq_one_letter_code
_entity_poly.pdbx_strand_id
1 'polypeptide(L)'
;MRLSYEALEWRTPIENSTEPVSLPPPPPFFGQERAREALELAIRGGFHAYLVGPPSLGKHEALLAYLSTQSVETPPDLLY
VPLSERKVAVLTLPSGQEIHLAEAVEGLLLEVNRLDELFRQGSFLREKTQLEARFKEAREQQLEALRREAQEAGFALSTN
GERLELTGPGPVPAELSARLEEVTLGSLAASAELEVALRRLRRDWALHYLNNRFEPLFQRFPQARAYLEALRARLARYAE
TGEPLDPAQWRPNLLTSSSSGTPPPIVYEPYATAPRLFGRLDYLVDRGVWSTNVSLIRPGAVHRAQGGYLILDALSLKRE
GTWEAFKRALRNGQVEPVTEPQAPAGLEVEPFPIQMQVILVGTPEAFEGLEEDPAFSELFRIRAEFSPTLPASPENCTAL
GGWLLAQGFQLTQGGLTRLYDEARRMAEQRDRMDARLVEIRALAEEAAVLGGGLLTAESVEQAIAAREHRSFLSEEEFLR
AVQEGVIRLRTTGRAVGEVNSLVVVEAAPYWGRPARLTARAAPGRDHLISIDREAGLGGQIFHKAVLTLAGYLRSRYIEH
GSLPVTISLAFEQNYVSIEGDAAGLAELVAALSAIGNLPLRQDLAVTGAVDQTGKVLAVGAINAKVEGFFRVCKALGLSG
TQGVILPEANLANLTLRAEVLEAVRAGQFHIYAVETAEQALEILAGARMEGFRGLQEKIRAGLEAFARLEEGHDKEDREK
LAAALEHHHHHH
;
A
2 'polypeptide(L)' AV(NIY)A S
#
# COMPACT_ATOMS: atom_id res chain seq x y z
N MET A 1 -20.87 -19.17 -17.08
CA MET A 1 -20.00 -20.31 -17.23
C MET A 1 -19.66 -20.85 -15.83
N ARG A 2 -19.59 -22.16 -15.72
CA ARG A 2 -19.18 -22.87 -14.49
C ARG A 2 -17.65 -22.85 -14.45
N LEU A 3 -17.04 -22.58 -13.31
CA LEU A 3 -15.57 -22.56 -13.20
C LEU A 3 -15.15 -23.86 -12.55
N SER A 4 -14.54 -24.75 -13.33
CA SER A 4 -14.06 -26.05 -12.84
C SER A 4 -12.96 -25.82 -11.81
N TYR A 5 -12.69 -26.82 -10.98
CA TYR A 5 -11.50 -26.85 -10.11
C TYR A 5 -10.26 -26.52 -10.94
N GLU A 6 -10.14 -27.15 -12.12
CA GLU A 6 -8.93 -27.00 -12.97
C GLU A 6 -8.82 -25.54 -13.39
N ALA A 7 -9.91 -24.89 -13.79
CA ALA A 7 -9.92 -23.45 -14.16
C ALA A 7 -9.55 -22.58 -12.92
N LEU A 8 -9.91 -23.00 -11.69
CA LEU A 8 -9.71 -22.17 -10.47
C LEU A 8 -8.30 -22.39 -9.88
N GLU A 9 -7.71 -23.56 -10.05
CA GLU A 9 -6.40 -23.88 -9.47
C GLU A 9 -5.37 -22.87 -10.00
N TRP A 10 -4.58 -22.29 -9.12
CA TRP A 10 -3.64 -21.18 -9.44
C TRP A 10 -2.28 -21.44 -8.82
N ARG A 11 -2.22 -22.37 -7.87
CA ARG A 11 -0.99 -22.61 -7.05
C ARG A 11 0.11 -23.33 -7.87
N THR A 12 1.34 -23.08 -7.47
CA THR A 12 2.56 -23.61 -8.10
C THR A 12 2.73 -25.05 -7.63
N PRO A 13 2.84 -26.05 -8.53
CA PRO A 13 3.16 -27.40 -8.05
C PRO A 13 4.49 -27.40 -7.29
N ILE A 14 4.60 -28.21 -6.26
CA ILE A 14 5.87 -28.37 -5.49
C ILE A 14 6.43 -29.77 -5.81
N GLU A 15 7.69 -29.78 -6.21
CA GLU A 15 8.50 -31.00 -6.40
C GLU A 15 9.64 -30.91 -5.38
N ASN A 16 9.84 -32.00 -4.67
CA ASN A 16 10.90 -32.12 -3.66
C ASN A 16 10.80 -30.98 -2.63
N SER A 17 9.65 -30.91 -1.96
CA SER A 17 9.27 -29.85 -0.97
C SER A 17 10.41 -29.59 -0.01
N THR A 18 11.06 -30.63 0.53
CA THR A 18 11.98 -30.44 1.69
C THR A 18 13.41 -30.16 1.25
N GLU A 19 13.70 -30.20 -0.05
CA GLU A 19 15.03 -29.89 -0.59
C GLU A 19 15.45 -28.48 -0.22
N PRO A 20 16.65 -28.28 0.38
CA PRO A 20 17.15 -26.95 0.66
C PRO A 20 17.31 -26.09 -0.61
N VAL A 21 16.99 -24.80 -0.51
CA VAL A 21 17.15 -23.86 -1.65
C VAL A 21 18.57 -23.32 -1.56
N SER A 22 19.22 -23.25 -2.69
CA SER A 22 20.57 -22.67 -2.81
C SER A 22 20.51 -21.72 -3.99
N LEU A 23 20.53 -20.41 -3.76
CA LEU A 23 20.37 -19.43 -4.86
C LEU A 23 21.19 -18.22 -4.47
N PRO A 24 21.78 -17.49 -5.43
CA PRO A 24 22.55 -16.29 -5.13
C PRO A 24 21.61 -15.11 -4.92
N PRO A 25 22.06 -14.07 -4.20
CA PRO A 25 21.23 -12.93 -3.85
C PRO A 25 20.95 -12.09 -5.10
N PRO A 26 19.71 -11.60 -5.34
CA PRO A 26 19.43 -10.77 -6.51
C PRO A 26 20.06 -9.40 -6.29
N PRO A 27 20.25 -8.60 -7.34
CA PRO A 27 20.65 -7.20 -7.14
C PRO A 27 19.58 -6.33 -6.45
N PRO A 28 20.00 -5.22 -5.82
CA PRO A 28 19.07 -4.19 -5.33
C PRO A 28 18.11 -3.78 -6.46
N PHE A 29 16.83 -3.61 -6.15
CA PHE A 29 15.81 -3.08 -7.10
C PHE A 29 15.40 -4.16 -8.09
N PHE A 30 15.55 -5.45 -7.75
CA PHE A 30 15.10 -6.51 -8.68
C PHE A 30 13.60 -6.30 -8.97
N GLY A 31 13.19 -6.43 -10.23
CA GLY A 31 11.81 -6.25 -10.67
C GLY A 31 11.32 -4.80 -10.51
N GLN A 32 12.19 -3.87 -10.11
CA GLN A 32 11.79 -2.45 -9.90
C GLN A 32 12.61 -1.59 -10.85
N GLU A 33 12.46 -1.81 -12.15
CA GLU A 33 13.31 -1.23 -13.25
C GLU A 33 13.06 0.29 -13.35
N ARG A 34 11.81 0.71 -13.30
CA ARG A 34 11.43 2.15 -13.29
C ARG A 34 12.22 2.89 -12.22
N ALA A 35 12.19 2.45 -10.98
CA ALA A 35 12.80 3.15 -9.84
C ALA A 35 14.32 3.08 -9.96
N ARG A 36 14.83 1.95 -10.45
CA ARG A 36 16.30 1.75 -10.58
C ARG A 36 16.85 2.72 -11.63
N GLU A 37 16.25 2.80 -12.82
CA GLU A 37 16.70 3.72 -13.90
C GLU A 37 16.55 5.20 -13.44
N ALA A 38 15.47 5.58 -12.74
CA ALA A 38 15.33 6.94 -12.14
C ALA A 38 16.55 7.22 -11.24
N LEU A 39 16.83 6.32 -10.31
CA LEU A 39 17.94 6.53 -9.35
C LEU A 39 19.27 6.58 -10.12
N GLU A 40 19.44 5.79 -11.17
CA GLU A 40 20.69 5.81 -11.96
C GLU A 40 20.84 7.19 -12.58
N LEU A 41 19.74 7.71 -13.13
CA LEU A 41 19.79 9.06 -13.73
C LEU A 41 20.12 10.10 -12.65
N ALA A 42 19.48 10.06 -11.48
CA ALA A 42 19.77 11.01 -10.38
C ALA A 42 21.26 10.94 -10.00
N ILE A 43 21.82 9.73 -9.85
CA ILE A 43 23.26 9.51 -9.50
C ILE A 43 24.12 10.13 -10.65
N ARG A 44 23.89 9.73 -11.89
CA ARG A 44 24.64 10.25 -13.07
C ARG A 44 24.55 11.79 -13.12
N GLY A 45 23.42 12.40 -12.80
CA GLY A 45 23.24 13.86 -13.01
C GLY A 45 23.51 14.70 -11.77
N GLY A 46 23.73 14.12 -10.60
CA GLY A 46 23.78 14.92 -9.37
C GLY A 46 22.40 15.46 -8.98
N PHE A 47 21.30 14.88 -9.43
CA PHE A 47 19.97 15.46 -9.12
C PHE A 47 19.52 14.96 -7.76
N HIS A 48 18.68 15.70 -7.08
CA HIS A 48 17.95 15.19 -5.91
C HIS A 48 16.79 14.34 -6.42
N ALA A 49 16.44 13.31 -5.67
CA ALA A 49 15.46 12.29 -6.06
C ALA A 49 14.53 11.98 -4.89
N TYR A 50 13.36 11.45 -5.22
CA TYR A 50 12.43 10.91 -4.23
C TYR A 50 12.00 9.51 -4.65
N LEU A 51 12.03 8.64 -3.66
CA LEU A 51 11.72 7.20 -3.72
C LEU A 51 10.32 7.08 -3.18
N VAL A 52 9.40 6.64 -4.00
CA VAL A 52 7.97 6.68 -3.65
C VAL A 52 7.41 5.29 -3.84
N GLY A 53 6.64 4.84 -2.86
CA GLY A 53 6.00 3.52 -2.97
C GLY A 53 5.25 3.22 -1.69
N PRO A 54 4.31 2.27 -1.68
CA PRO A 54 3.60 1.93 -0.44
C PRO A 54 4.49 1.46 0.70
N PRO A 55 3.93 1.40 1.94
CA PRO A 55 4.69 0.94 3.09
C PRO A 55 5.19 -0.51 2.94
N SER A 56 6.31 -0.88 3.59
CA SER A 56 6.78 -2.29 3.73
C SER A 56 7.31 -2.85 2.42
N LEU A 57 7.77 -1.98 1.54
CA LEU A 57 8.30 -2.41 0.25
C LEU A 57 9.76 -2.77 0.44
N GLY A 58 10.42 -2.25 1.47
CA GLY A 58 11.87 -2.39 1.51
C GLY A 58 12.57 -1.25 0.77
N LYS A 59 11.91 -0.11 0.56
CA LYS A 59 12.51 1.04 -0.19
C LYS A 59 13.84 1.43 0.45
N HIS A 60 13.90 1.56 1.76
CA HIS A 60 15.12 2.03 2.48
C HIS A 60 16.25 1.02 2.26
N GLU A 61 15.97 -0.29 2.40
CA GLU A 61 17.03 -1.35 2.31
C GLU A 61 17.51 -1.41 0.88
N ALA A 62 16.61 -1.35 -0.11
CA ALA A 62 17.06 -1.36 -1.51
C ALA A 62 18.00 -0.16 -1.72
N LEU A 63 17.63 1.02 -1.25
CA LEU A 63 18.39 2.27 -1.52
C LEU A 63 19.80 2.21 -0.89
N LEU A 64 19.89 1.86 0.37
CA LEU A 64 21.21 1.75 1.08
C LEU A 64 22.08 0.68 0.41
N ALA A 65 21.49 -0.41 -0.07
CA ALA A 65 22.24 -1.49 -0.74
C ALA A 65 22.80 -0.92 -2.04
N TYR A 66 21.96 -0.27 -2.83
CA TYR A 66 22.40 0.32 -4.12
C TYR A 66 23.46 1.42 -3.91
N LEU A 67 23.32 2.25 -2.88
CA LEU A 67 24.29 3.38 -2.67
C LEU A 67 25.65 2.85 -2.22
N SER A 68 25.68 1.77 -1.45
CA SER A 68 26.89 1.07 -0.94
C SER A 68 27.84 0.67 -2.07
N THR A 69 27.36 0.52 -3.30
CA THR A 69 28.15 0.02 -4.45
C THR A 69 28.71 1.19 -5.23
N GLN A 70 28.37 2.43 -4.86
CA GLN A 70 28.79 3.58 -5.69
C GLN A 70 30.22 3.94 -5.27
N SER A 71 30.87 4.76 -6.08
CA SER A 71 32.23 5.26 -5.80
C SER A 71 32.28 6.72 -6.19
N VAL A 72 32.80 7.55 -5.30
CA VAL A 72 33.02 8.98 -5.61
C VAL A 72 34.47 9.30 -5.23
N GLU A 73 34.99 10.42 -5.73
CA GLU A 73 36.26 11.02 -5.20
C GLU A 73 36.14 11.13 -3.68
N THR A 74 37.17 10.74 -2.94
CA THR A 74 37.28 10.90 -1.47
C THR A 74 36.78 12.27 -1.06
N PRO A 75 35.86 12.39 -0.07
CA PRO A 75 35.32 13.69 0.30
C PRO A 75 36.40 14.61 0.89
N PRO A 76 36.38 15.92 0.54
CA PRO A 76 37.19 16.92 1.25
C PRO A 76 37.02 16.73 2.75
N ASP A 77 38.05 17.05 3.53
CA ASP A 77 37.88 17.40 4.96
C ASP A 77 36.87 18.54 5.03
N LEU A 78 36.05 18.56 6.07
CA LEU A 78 35.04 19.63 6.19
C LEU A 78 35.27 20.33 7.51
N LEU A 79 35.33 21.66 7.50
CA LEU A 79 35.47 22.39 8.79
C LEU A 79 34.75 23.74 8.85
N TYR A 80 34.44 24.13 10.09
CA TYR A 80 34.16 25.53 10.51
C TYR A 80 35.51 26.24 10.79
N VAL A 81 35.74 27.38 10.16
CA VAL A 81 36.84 28.31 10.54
C VAL A 81 36.25 29.64 10.96
N PRO A 82 36.77 30.27 12.03
CA PRO A 82 36.36 31.62 12.41
C PRO A 82 36.95 32.68 11.46
N LEU A 83 36.09 33.56 10.92
CA LEU A 83 36.48 34.80 10.18
C LEU A 83 36.58 35.97 11.17
N SER A 84 36.17 35.75 12.43
CA SER A 84 36.12 36.74 13.53
C SER A 84 35.76 35.98 14.82
N GLU A 85 35.46 36.70 15.90
CA GLU A 85 35.14 36.10 17.22
C GLU A 85 33.62 35.94 17.35
N ARG A 86 32.85 36.44 16.38
CA ARG A 86 31.37 36.33 16.35
C ARG A 86 30.90 35.74 14.99
N LYS A 87 31.81 35.28 14.14
CA LYS A 87 31.47 34.80 12.78
C LYS A 87 32.32 33.59 12.43
N VAL A 88 31.69 32.60 11.77
CA VAL A 88 32.33 31.32 11.31
C VAL A 88 31.88 31.07 9.86
N ALA A 89 32.64 30.25 9.14
CA ALA A 89 32.33 29.83 7.76
C ALA A 89 32.68 28.35 7.66
N VAL A 90 31.95 27.63 6.81
CA VAL A 90 32.24 26.20 6.50
C VAL A 90 33.27 26.17 5.37
N LEU A 91 34.37 25.44 5.56
CA LEU A 91 35.45 25.29 4.54
C LEU A 91 35.72 23.82 4.17
N THR A 92 35.95 23.55 2.88
CA THR A 92 36.52 22.29 2.36
C THR A 92 37.99 22.51 2.00
N LEU A 93 38.89 21.69 2.55
CA LEU A 93 40.26 21.42 2.02
C LEU A 93 40.28 20.02 1.39
N PRO A 94 41.14 19.75 0.38
CA PRO A 94 41.56 18.39 0.05
C PRO A 94 41.80 17.50 1.28
N SER A 95 41.46 16.21 1.18
CA SER A 95 41.35 15.24 2.31
C SER A 95 42.67 15.14 3.10
N GLY A 96 42.60 14.88 4.41
CA GLY A 96 43.74 14.70 5.34
C GLY A 96 44.53 15.97 5.68
N GLN A 97 44.23 17.09 5.01
CA GLN A 97 45.07 18.33 4.99
C GLN A 97 44.69 19.31 6.12
N GLU A 98 43.62 19.06 6.88
CA GLU A 98 43.25 19.99 7.98
C GLU A 98 44.07 19.65 9.23
N ILE A 99 44.50 18.39 9.39
CA ILE A 99 45.32 17.98 10.58
C ILE A 99 46.66 18.74 10.56
N HIS A 100 47.20 19.06 9.38
CA HIS A 100 48.40 19.93 9.17
C HIS A 100 48.09 21.40 9.53
N LEU A 101 46.96 21.93 9.05
CA LEU A 101 46.54 23.33 9.30
C LEU A 101 46.18 23.52 10.77
N ALA A 102 45.84 22.43 11.49
CA ALA A 102 45.54 22.44 12.94
C ALA A 102 46.83 22.58 13.74
N GLU A 103 47.86 21.81 13.41
CA GLU A 103 49.20 21.84 14.05
C GLU A 103 49.82 23.23 13.81
N ALA A 104 49.92 23.67 12.56
CA ALA A 104 50.40 25.02 12.13
C ALA A 104 49.82 26.12 13.03
N VAL A 105 48.49 26.23 13.12
CA VAL A 105 47.79 27.25 13.96
C VAL A 105 48.16 26.99 15.43
N GLU A 106 48.29 25.72 15.84
CA GLU A 106 48.67 25.37 17.23
C GLU A 106 50.16 25.67 17.45
N GLY A 107 50.90 26.00 16.38
CA GLY A 107 51.96 27.03 16.42
C GLY A 107 51.31 28.36 16.77
N LEU A 108 50.91 28.48 18.05
CA LEU A 108 49.93 29.45 18.63
C LEU A 108 49.45 30.48 17.60
N PHE A 218 48.92 32.03 3.91
CA PHE A 218 48.98 31.32 2.61
C PHE A 218 50.04 30.20 2.67
N GLN A 219 50.39 29.72 3.87
CA GLN A 219 51.61 28.91 4.13
C GLN A 219 51.75 27.84 3.05
N ARG A 220 50.77 26.95 2.92
CA ARG A 220 50.52 26.08 1.73
C ARG A 220 49.09 25.53 1.84
N PHE A 221 48.16 26.39 2.27
CA PHE A 221 46.72 26.08 2.48
C PHE A 221 45.91 27.11 1.69
N PRO A 222 46.15 27.22 0.36
CA PRO A 222 45.61 28.30 -0.47
C PRO A 222 44.11 28.63 -0.36
N GLN A 223 43.28 27.63 -0.03
CA GLN A 223 41.80 27.74 0.08
C GLN A 223 41.44 28.32 1.46
N ALA A 224 42.28 28.07 2.48
CA ALA A 224 42.09 28.49 3.89
C ALA A 224 42.61 29.91 4.13
N ARG A 225 42.49 30.81 3.14
CA ARG A 225 43.11 32.16 3.19
C ARG A 225 42.35 33.04 4.20
N ALA A 226 41.04 33.25 4.00
CA ALA A 226 40.22 34.25 4.71
C ALA A 226 40.31 34.00 6.22
N TYR A 227 40.43 32.73 6.63
CA TYR A 227 40.66 32.28 8.03
C TYR A 227 41.98 32.83 8.60
N LEU A 228 43.04 32.77 7.79
CA LEU A 228 44.41 33.16 8.19
C LEU A 228 44.52 34.70 8.20
N GLU A 229 44.18 35.35 7.08
CA GLU A 229 44.11 36.84 6.97
C GLU A 229 43.46 37.42 8.23
N ALA A 230 42.24 36.97 8.56
CA ALA A 230 41.45 37.37 9.76
C ALA A 230 42.11 36.84 11.04
N LEU A 231 42.98 35.82 10.95
CA LEU A 231 43.77 35.32 12.12
C LEU A 231 44.86 36.35 12.51
N ARG A 232 45.05 37.40 11.71
CA ARG A 232 45.92 38.57 12.03
C ARG A 232 45.07 39.69 12.65
N ALA A 236 47.30 39.31 15.14
CA ALA A 236 48.14 40.53 15.22
C ALA A 236 47.99 41.18 16.61
N ARG A 237 46.85 41.84 16.85
CA ARG A 237 46.62 42.82 17.94
C ARG A 237 46.43 42.14 19.31
N TYR A 238 47.02 40.98 19.55
CA TYR A 238 47.30 40.50 20.93
C TYR A 238 48.57 41.20 21.44
N ALA A 239 49.58 41.25 20.57
CA ALA A 239 50.86 41.97 20.80
C ALA A 239 50.61 43.48 20.74
N GLU A 240 49.80 43.97 19.78
CA GLU A 240 49.53 45.41 19.54
C GLU A 240 48.64 46.00 20.65
N THR A 241 47.91 45.18 21.43
CA THR A 241 46.95 45.67 22.45
C THR A 241 47.02 44.84 23.75
N GLY A 242 47.81 43.76 23.81
CA GLY A 242 47.85 42.83 24.96
C GLY A 242 46.51 42.14 25.16
N GLU A 243 45.67 42.14 24.13
CA GLU A 243 44.28 41.60 24.13
C GLU A 243 44.31 40.08 24.22
N PRO A 244 43.88 39.47 25.35
CA PRO A 244 43.90 38.00 25.49
C PRO A 244 42.99 37.27 24.48
N GLN A 249 38.66 29.08 20.81
CA GLN A 249 37.95 30.21 20.13
C GLN A 249 38.63 30.62 18.82
N TRP A 250 39.75 30.00 18.42
CA TRP A 250 40.50 30.45 17.22
C TRP A 250 41.04 29.32 16.32
N ARG A 251 41.16 28.08 16.80
CA ARG A 251 41.68 26.96 15.94
C ARG A 251 40.52 26.40 15.13
N PRO A 252 40.78 25.80 13.94
CA PRO A 252 39.72 25.30 13.07
C PRO A 252 38.94 24.17 13.78
N ASN A 253 37.70 23.94 13.36
CA ASN A 253 36.87 22.82 13.87
C ASN A 253 36.62 21.82 12.72
N LEU A 254 37.30 20.68 12.76
CA LEU A 254 37.10 19.54 11.82
C LEU A 254 35.73 18.94 12.10
N LEU A 255 34.83 18.99 11.12
CA LEU A 255 33.51 18.35 11.22
C LEU A 255 33.68 16.89 10.78
N THR A 256 34.33 16.66 9.64
CA THR A 256 34.50 15.31 9.05
C THR A 256 35.81 15.21 8.27
N SER A 257 36.27 13.96 8.11
CA SER A 257 37.28 13.52 7.11
C SER A 257 37.08 12.02 6.86
N SER A 258 37.64 11.48 5.77
CA SER A 258 37.53 10.03 5.46
C SER A 258 38.61 9.59 4.45
N SER A 259 38.81 8.28 4.33
CA SER A 259 39.95 7.63 3.64
C SER A 259 39.66 7.42 2.15
N SER A 260 38.40 7.17 1.77
CA SER A 260 37.94 6.90 0.38
C SER A 260 36.49 7.34 0.16
N GLY A 261 36.13 7.59 -1.10
CA GLY A 261 34.77 7.85 -1.61
C GLY A 261 34.09 6.58 -2.13
N THR A 262 34.41 5.44 -1.53
CA THR A 262 33.96 4.10 -1.98
C THR A 262 33.88 3.23 -0.73
N PRO A 263 32.68 3.09 -0.10
CA PRO A 263 31.46 3.73 -0.54
C PRO A 263 31.40 5.22 -0.20
N PRO A 264 30.56 6.03 -0.89
CA PRO A 264 30.44 7.46 -0.62
C PRO A 264 29.83 7.63 0.75
N PRO A 265 29.87 8.85 1.34
CA PRO A 265 29.08 9.11 2.53
C PRO A 265 27.61 8.82 2.19
N ILE A 266 26.97 8.09 3.09
CA ILE A 266 25.55 7.68 3.03
C ILE A 266 25.00 7.97 4.40
N VAL A 267 24.20 9.02 4.53
CA VAL A 267 23.67 9.39 5.86
C VAL A 267 22.15 9.31 5.80
N TYR A 268 21.60 8.34 6.49
CA TYR A 268 20.14 8.17 6.66
C TYR A 268 19.82 8.71 8.03
N GLU A 269 19.14 9.86 8.04
CA GLU A 269 18.60 10.50 9.26
C GLU A 269 17.08 10.38 9.27
N PRO A 270 16.50 9.35 9.96
CA PRO A 270 15.05 9.17 9.98
C PRO A 270 14.36 10.26 10.80
N TYR A 271 15.09 10.94 11.67
CA TYR A 271 14.46 11.89 12.61
C TYR A 271 14.91 13.31 12.22
N ALA A 272 14.13 13.98 11.36
CA ALA A 272 14.55 15.21 10.61
C ALA A 272 14.33 16.48 11.46
N THR A 273 14.85 16.52 12.69
CA THR A 273 14.73 17.73 13.56
C THR A 273 15.83 18.71 13.14
N ALA A 274 15.65 19.99 13.45
CA ALA A 274 16.63 21.06 13.07
C ALA A 274 18.04 20.69 13.58
N PRO A 275 18.22 20.34 14.87
CA PRO A 275 19.53 19.93 15.38
C PRO A 275 20.16 18.72 14.67
N ARG A 276 19.35 17.72 14.34
CA ARG A 276 19.85 16.51 13.64
C ARG A 276 20.18 16.86 12.19
N LEU A 277 19.50 17.82 11.58
CA LEU A 277 19.84 18.20 10.18
C LEU A 277 21.05 19.14 10.18
N PHE A 278 21.06 20.13 11.05
CA PHE A 278 21.90 21.35 10.88
C PHE A 278 23.04 21.47 11.91
N GLY A 279 23.01 20.62 12.93
CA GLY A 279 23.97 20.65 14.03
C GLY A 279 23.45 21.49 15.18
N ARG A 280 24.31 21.69 16.16
CA ARG A 280 23.99 22.34 17.46
C ARG A 280 25.18 23.20 17.90
N LEU A 281 24.91 24.33 18.55
CA LEU A 281 25.86 25.15 19.37
C LEU A 281 25.83 24.63 20.80
N ASP A 282 26.92 24.10 21.32
CA ASP A 282 27.05 23.88 22.78
C ASP A 282 27.51 25.22 23.40
N TYR A 283 27.15 25.48 24.65
CA TYR A 283 27.54 26.69 25.44
C TYR A 283 28.39 26.26 26.65
N LEU A 284 29.71 26.49 26.60
CA LEU A 284 30.64 26.31 27.76
C LEU A 284 30.63 27.62 28.56
N VAL A 285 30.27 27.55 29.84
CA VAL A 285 29.99 28.72 30.71
C VAL A 285 31.32 29.36 31.14
N TRP A 290 28.51 32.44 30.25
CA TRP A 290 28.22 31.86 28.91
C TRP A 290 29.21 32.43 27.90
N SER A 291 29.72 31.59 27.02
CA SER A 291 30.13 32.02 25.65
C SER A 291 29.96 30.82 24.73
N THR A 292 30.40 30.97 23.47
CA THR A 292 30.59 29.88 22.50
C THR A 292 31.65 30.36 21.51
N ASN A 293 32.09 29.43 20.68
CA ASN A 293 33.20 29.62 19.71
C ASN A 293 33.07 28.54 18.65
N VAL A 294 33.70 28.73 17.50
CA VAL A 294 33.85 27.70 16.41
C VAL A 294 33.90 26.31 17.02
N SER A 295 34.75 26.10 18.04
CA SER A 295 35.15 24.74 18.49
C SER A 295 33.99 24.04 19.22
N LEU A 296 32.91 24.76 19.57
CA LEU A 296 31.71 24.18 20.26
C LEU A 296 30.56 23.86 19.27
N ILE A 297 30.75 24.00 17.96
CA ILE A 297 29.68 23.73 16.94
C ILE A 297 29.77 22.26 16.52
N ARG A 298 28.72 21.49 16.80
CA ARG A 298 28.58 20.06 16.41
C ARG A 298 27.90 19.92 15.05
N PRO A 299 28.39 19.02 14.15
CA PRO A 299 27.83 18.88 12.81
C PRO A 299 26.47 18.16 12.86
N GLY A 300 25.71 18.31 11.78
CA GLY A 300 24.38 17.70 11.59
C GLY A 300 24.50 16.73 10.44
N ALA A 301 23.39 16.09 10.07
CA ALA A 301 23.29 15.15 8.94
C ALA A 301 23.80 15.84 7.68
N VAL A 302 23.47 17.12 7.51
CA VAL A 302 23.83 17.82 6.26
C VAL A 302 25.36 17.81 6.13
N HIS A 303 26.06 18.15 7.23
CA HIS A 303 27.54 18.20 7.23
C HIS A 303 28.11 16.80 6.94
N ARG A 304 27.56 15.78 7.59
CA ARG A 304 28.08 14.39 7.43
C ARG A 304 27.84 13.86 6.02
N ALA A 305 26.86 14.38 5.27
CA ALA A 305 26.50 13.82 3.94
C ALA A 305 27.26 14.53 2.82
N GLN A 306 28.09 15.55 3.11
CA GLN A 306 28.82 16.30 2.04
C GLN A 306 29.71 15.34 1.21
N GLY A 307 29.69 15.48 -0.12
CA GLY A 307 30.36 14.58 -1.07
C GLY A 307 29.66 13.23 -1.21
N GLY A 308 28.47 13.07 -0.62
CA GLY A 308 27.72 11.80 -0.64
C GLY A 308 26.20 12.03 -0.64
N TYR A 309 25.47 11.22 0.12
CA TYR A 309 24.01 11.07 -0.01
C TYR A 309 23.41 11.33 1.35
N LEU A 310 22.45 12.24 1.45
CA LEU A 310 21.58 12.41 2.63
C LEU A 310 20.23 11.76 2.30
N ILE A 311 19.76 10.86 3.17
CA ILE A 311 18.46 10.18 2.98
C ILE A 311 17.55 10.68 4.10
N LEU A 312 16.38 11.19 3.75
CA LEU A 312 15.41 11.67 4.74
C LEU A 312 14.04 11.07 4.40
N ASP A 313 13.18 10.95 5.41
CA ASP A 313 11.77 10.55 5.21
C ASP A 313 10.92 11.80 5.04
N ALA A 314 10.12 11.85 3.99
CA ALA A 314 9.17 12.95 3.70
C ALA A 314 8.29 13.25 4.92
N LEU A 315 7.73 12.22 5.55
CA LEU A 315 6.85 12.36 6.73
C LEU A 315 7.59 13.06 7.89
N SER A 316 8.86 12.77 8.12
CA SER A 316 9.61 13.42 9.23
C SER A 316 9.80 14.90 8.94
N LEU A 317 10.21 15.29 7.73
CA LEU A 317 10.30 16.73 7.38
C LEU A 317 8.96 17.44 7.68
N LYS A 318 7.80 16.84 7.37
CA LYS A 318 6.48 17.46 7.64
C LYS A 318 6.23 17.48 9.16
N ARG A 319 6.28 16.34 9.81
CA ARG A 319 6.01 16.17 11.25
C ARG A 319 6.95 17.08 12.06
N GLU A 320 8.23 17.15 11.72
CA GLU A 320 9.18 17.96 12.52
C GLU A 320 9.11 19.45 12.17
N GLY A 321 8.32 19.88 11.19
CA GLY A 321 8.25 21.29 10.75
C GLY A 321 9.55 21.79 10.12
N THR A 322 10.38 20.93 9.48
CA THR A 322 11.75 21.30 9.04
C THR A 322 11.86 21.46 7.52
N TRP A 323 10.76 21.32 6.80
CA TRP A 323 10.74 21.42 5.33
C TRP A 323 11.23 22.82 4.89
N GLU A 324 10.76 23.90 5.54
CA GLU A 324 11.09 25.26 5.06
C GLU A 324 12.57 25.47 5.34
N ALA A 325 13.06 25.09 6.52
CA ALA A 325 14.49 25.27 6.82
C ALA A 325 15.32 24.40 5.85
N PHE A 326 14.83 23.22 5.50
CA PHE A 326 15.58 22.30 4.60
C PHE A 326 15.69 22.94 3.21
N LYS A 327 14.60 23.49 2.69
CA LYS A 327 14.62 24.18 1.38
C LYS A 327 15.63 25.31 1.43
N ARG A 328 15.65 26.08 2.53
CA ARG A 328 16.60 27.22 2.65
C ARG A 328 18.01 26.66 2.59
N ALA A 329 18.27 25.48 3.15
CA ALA A 329 19.61 24.85 3.08
C ALA A 329 19.94 24.54 1.62
N LEU A 330 19.03 23.91 0.88
CA LEU A 330 19.32 23.45 -0.51
C LEU A 330 19.36 24.63 -1.49
N ARG A 331 18.45 25.61 -1.37
CA ARG A 331 18.31 26.77 -2.30
C ARG A 331 19.37 27.85 -2.01
N ASN A 332 19.72 28.07 -0.75
CA ASN A 332 20.49 29.29 -0.32
C ASN A 332 21.76 28.88 0.41
N GLY A 333 21.98 27.59 0.65
CA GLY A 333 23.12 27.16 1.47
C GLY A 333 23.07 27.69 2.89
N GLN A 334 21.88 28.07 3.40
CA GLN A 334 21.73 28.50 4.82
C GLN A 334 21.65 27.23 5.68
N VAL A 335 22.71 26.94 6.42
CA VAL A 335 22.80 25.80 7.36
C VAL A 335 23.16 26.36 8.74
N GLU A 336 22.16 26.58 9.59
CA GLU A 336 22.29 27.28 10.90
C GLU A 336 22.26 26.26 12.02
N PRO A 337 23.39 26.05 12.74
CA PRO A 337 23.39 25.23 13.95
C PRO A 337 22.32 25.74 14.92
N VAL A 338 21.66 24.83 15.63
CA VAL A 338 20.55 25.24 16.54
C VAL A 338 21.16 25.87 17.79
N THR A 339 20.60 27.01 18.20
CA THR A 339 21.02 27.86 19.36
C THR A 339 19.99 27.69 20.47
N GLU A 340 20.07 28.46 21.57
CA GLU A 340 19.02 28.45 22.62
C GLU A 340 18.63 29.88 23.01
N PRO A 341 17.36 30.06 23.45
CA PRO A 341 16.79 31.39 23.70
C PRO A 341 17.53 32.23 24.76
N GLN A 342 18.18 31.57 25.73
CA GLN A 342 18.88 32.22 26.87
C GLN A 342 20.16 32.91 26.35
N ALA A 343 21.04 32.14 25.71
CA ALA A 343 22.45 32.48 25.36
C ALA A 343 22.54 33.93 24.93
N PRO A 344 23.33 34.78 25.64
CA PRO A 344 23.24 36.23 25.49
C PRO A 344 23.74 36.78 24.13
N ALA A 345 24.44 35.94 23.36
CA ALA A 345 24.84 36.20 21.96
C ALA A 345 24.99 34.86 21.24
N GLY A 346 25.21 34.91 19.93
CA GLY A 346 25.44 33.71 19.10
C GLY A 346 26.57 33.98 18.15
N LEU A 347 26.94 32.98 17.36
CA LEU A 347 27.82 33.14 16.17
C LEU A 347 26.93 33.34 14.95
N GLU A 348 27.35 34.22 14.04
CA GLU A 348 26.86 34.29 12.65
C GLU A 348 27.54 33.15 11.89
N VAL A 349 26.76 32.33 11.19
CA VAL A 349 27.30 31.21 10.39
C VAL A 349 27.00 31.55 8.95
N GLU A 350 28.05 31.71 8.14
CA GLU A 350 27.92 32.18 6.75
C GLU A 350 27.28 31.06 5.95
N PRO A 351 26.50 31.35 4.90
CA PRO A 351 25.95 30.31 4.06
C PRO A 351 27.17 29.59 3.47
N PHE A 352 27.01 28.37 2.94
CA PHE A 352 28.10 27.60 2.26
C PHE A 352 27.54 26.82 1.08
N PRO A 353 28.38 26.52 0.07
CA PRO A 353 27.93 25.80 -1.12
C PRO A 353 27.72 24.32 -0.72
N ILE A 354 26.46 23.86 -0.75
CA ILE A 354 26.07 22.49 -0.36
C ILE A 354 26.57 21.54 -1.44
N GLN A 355 27.29 20.49 -1.06
CA GLN A 355 27.79 19.45 -1.96
C GLN A 355 27.18 18.13 -1.53
N MET A 356 25.94 17.86 -1.88
CA MET A 356 25.35 16.58 -1.46
C MET A 356 24.14 16.28 -2.34
N GLN A 357 23.83 15.01 -2.42
CA GLN A 357 22.63 14.53 -3.12
C GLN A 357 21.63 14.09 -2.06
N VAL A 358 20.40 14.59 -2.13
CA VAL A 358 19.35 14.27 -1.16
C VAL A 358 18.41 13.29 -1.85
N ILE A 359 18.08 12.21 -1.15
CA ILE A 359 17.03 11.24 -1.55
C ILE A 359 16.00 11.20 -0.45
N LEU A 360 14.78 11.60 -0.78
CA LEU A 360 13.62 11.53 0.12
C LEU A 360 12.96 10.20 -0.13
N VAL A 361 12.38 9.66 0.93
CA VAL A 361 11.68 8.36 0.87
C VAL A 361 10.30 8.54 1.47
N GLY A 362 9.28 7.99 0.81
CA GLY A 362 7.95 8.01 1.42
C GLY A 362 6.90 7.37 0.54
N THR A 363 5.70 7.30 1.07
CA THR A 363 4.49 6.83 0.35
C THR A 363 4.01 7.94 -0.59
N PRO A 364 3.25 7.61 -1.64
CA PRO A 364 2.57 8.61 -2.46
C PRO A 364 1.92 9.72 -1.63
N GLU A 365 1.19 9.33 -0.58
CA GLU A 365 0.44 10.23 0.31
C GLU A 365 1.43 11.10 1.11
N ALA A 366 2.56 10.57 1.60
CA ALA A 366 3.57 11.35 2.36
C ALA A 366 4.05 12.53 1.50
N PHE A 367 4.08 12.35 0.18
CA PHE A 367 4.63 13.31 -0.78
C PHE A 367 3.59 14.42 -1.02
N GLU A 368 2.29 14.15 -0.83
CA GLU A 368 1.22 15.03 -1.42
C GLU A 368 1.21 16.37 -0.68
N GLY A 369 1.44 16.34 0.64
CA GLY A 369 1.79 17.53 1.44
C GLY A 369 2.85 18.36 0.75
N LEU A 370 4.00 17.75 0.43
CA LEU A 370 5.18 18.43 -0.15
C LEU A 370 4.92 18.94 -1.56
N GLU A 371 4.22 18.17 -2.39
CA GLU A 371 4.00 18.38 -3.85
C GLU A 371 3.21 19.67 -4.13
N GLU A 372 2.42 20.16 -3.18
CA GLU A 372 1.65 21.41 -3.36
C GLU A 372 2.57 22.62 -3.15
N ASP A 373 3.81 22.40 -2.69
CA ASP A 373 4.87 23.42 -2.66
C ASP A 373 5.59 23.37 -4.00
N PRO A 374 5.44 24.40 -4.88
CA PRO A 374 6.19 24.45 -6.13
C PRO A 374 7.69 24.21 -5.90
N ALA A 375 8.26 24.58 -4.76
CA ALA A 375 9.70 24.33 -4.54
C ALA A 375 9.99 22.81 -4.50
N PHE A 376 9.03 21.98 -4.09
CA PHE A 376 9.29 20.53 -3.98
C PHE A 376 9.72 20.00 -5.35
N SER A 377 8.90 20.16 -6.39
CA SER A 377 9.18 19.71 -7.79
C SER A 377 10.43 20.40 -8.34
N GLU A 378 10.71 21.64 -7.94
CA GLU A 378 11.94 22.31 -8.42
C GLU A 378 13.18 21.64 -7.86
N LEU A 379 13.14 21.26 -6.58
CA LEU A 379 14.34 20.72 -5.92
C LEU A 379 14.46 19.21 -6.19
N PHE A 380 13.33 18.50 -6.25
CA PHE A 380 13.31 17.01 -6.33
C PHE A 380 12.73 16.65 -7.69
N ARG A 381 13.58 16.63 -8.71
CA ARG A 381 13.14 16.42 -10.12
C ARG A 381 12.96 14.93 -10.44
N ILE A 382 13.66 14.05 -9.75
CA ILE A 382 13.68 12.62 -10.19
C ILE A 382 12.76 11.83 -9.26
N ARG A 383 11.64 11.39 -9.82
CA ARG A 383 10.70 10.45 -9.18
C ARG A 383 11.21 9.03 -9.42
N ALA A 384 11.43 8.27 -8.35
CA ALA A 384 11.83 6.84 -8.40
C ALA A 384 10.73 6.00 -7.77
N GLU A 385 9.73 5.61 -8.57
CA GLU A 385 8.49 4.99 -8.06
C GLU A 385 8.58 3.45 -8.15
N PHE A 386 8.35 2.81 -7.00
CA PHE A 386 8.23 1.33 -6.85
C PHE A 386 6.81 0.92 -7.25
N SER A 387 6.72 -0.20 -7.97
CA SER A 387 5.45 -0.87 -8.30
C SER A 387 5.03 -1.66 -7.07
N PRO A 388 3.74 -1.67 -6.70
CA PRO A 388 3.32 -2.46 -5.54
C PRO A 388 3.32 -3.98 -5.81
N THR A 389 3.42 -4.37 -7.07
CA THR A 389 3.44 -5.76 -7.53
C THR A 389 4.50 -5.90 -8.61
N LEU A 390 5.05 -7.12 -8.69
CA LEU A 390 5.91 -7.58 -9.78
C LEU A 390 5.16 -8.60 -10.62
N PRO A 391 5.64 -8.86 -11.85
CA PRO A 391 5.22 -10.04 -12.59
C PRO A 391 5.46 -11.32 -11.75
N ALA A 392 4.49 -12.22 -11.74
CA ALA A 392 4.66 -13.58 -11.16
C ALA A 392 5.43 -14.45 -12.18
N SER A 393 6.75 -14.38 -12.16
CA SER A 393 7.61 -15.11 -13.15
C SER A 393 8.57 -16.02 -12.40
N PRO A 394 9.10 -17.07 -13.08
CA PRO A 394 10.20 -17.87 -12.53
C PRO A 394 11.38 -17.02 -12.04
N GLU A 395 11.73 -15.95 -12.74
CA GLU A 395 12.88 -15.10 -12.37
C GLU A 395 12.57 -14.40 -11.04
N ASN A 396 11.32 -14.01 -10.77
CA ASN A 396 11.02 -13.21 -9.54
C ASN A 396 10.88 -14.18 -8.37
N CYS A 397 10.41 -15.39 -8.61
CA CYS A 397 10.39 -16.48 -7.57
C CYS A 397 11.83 -16.81 -7.15
N THR A 398 12.70 -17.04 -8.13
CA THR A 398 14.17 -17.27 -7.92
C THR A 398 14.81 -16.12 -7.17
N ALA A 399 14.56 -14.87 -7.58
CA ALA A 399 15.09 -13.67 -6.88
C ALA A 399 14.59 -13.64 -5.43
N LEU A 400 13.30 -13.89 -5.24
CA LEU A 400 12.76 -13.92 -3.84
C LEU A 400 13.53 -14.96 -3.00
N GLY A 401 13.78 -16.15 -3.56
CA GLY A 401 14.53 -17.21 -2.83
C GLY A 401 15.91 -16.76 -2.45
N GLY A 402 16.64 -16.16 -3.40
CA GLY A 402 18.01 -15.69 -3.10
C GLY A 402 17.97 -14.57 -2.09
N TRP A 403 16.96 -13.73 -2.17
CA TRP A 403 16.77 -12.64 -1.19
C TRP A 403 16.50 -13.25 0.19
N LEU A 404 15.58 -14.19 0.30
CA LEU A 404 15.32 -14.80 1.65
C LEU A 404 16.60 -15.46 2.19
N LEU A 405 17.37 -16.18 1.37
CA LEU A 405 18.62 -16.86 1.85
C LEU A 405 19.60 -15.79 2.33
N ALA A 406 19.72 -14.68 1.62
CA ALA A 406 20.70 -13.62 2.00
C ALA A 406 20.23 -13.00 3.32
N GLN A 407 18.92 -13.01 3.61
CA GLN A 407 18.41 -12.50 4.92
C GLN A 407 18.73 -13.48 6.07
N GLY A 408 19.29 -14.67 5.81
CA GLY A 408 19.60 -15.68 6.84
C GLY A 408 18.55 -16.81 6.98
N PHE A 409 17.51 -16.90 6.14
CA PHE A 409 16.50 -17.99 6.29
C PHE A 409 17.09 -19.31 5.81
N GLN A 410 16.70 -20.40 6.46
CA GLN A 410 16.90 -21.80 5.95
C GLN A 410 15.62 -22.20 5.19
N LEU A 411 15.68 -22.15 3.89
CA LEU A 411 14.51 -22.20 2.98
C LEU A 411 14.54 -23.56 2.27
N THR A 412 13.40 -24.22 2.24
CA THR A 412 13.16 -25.40 1.40
C THR A 412 12.40 -24.93 0.16
N GLN A 413 12.40 -25.75 -0.86
CA GLN A 413 11.72 -25.46 -2.14
C GLN A 413 10.24 -25.20 -1.87
N GLY A 414 9.64 -26.04 -1.02
CA GLY A 414 8.22 -25.94 -0.66
C GLY A 414 7.93 -24.66 0.06
N GLY A 415 8.83 -24.20 0.92
CA GLY A 415 8.65 -22.95 1.68
C GLY A 415 8.75 -21.75 0.77
N LEU A 416 9.72 -21.79 -0.16
CA LEU A 416 9.81 -20.74 -1.20
C LEU A 416 8.51 -20.74 -2.00
N THR A 417 8.09 -21.85 -2.57
CA THR A 417 6.86 -21.92 -3.42
C THR A 417 5.62 -21.36 -2.69
N ARG A 418 5.42 -21.71 -1.42
CA ARG A 418 4.24 -21.26 -0.65
C ARG A 418 4.32 -19.74 -0.42
N LEU A 419 5.51 -19.20 -0.16
CA LEU A 419 5.68 -17.76 0.08
C LEU A 419 5.41 -17.02 -1.22
N TYR A 420 5.98 -17.54 -2.31
CA TYR A 420 5.77 -16.99 -3.67
C TYR A 420 4.26 -16.98 -3.98
N ASP A 421 3.55 -18.06 -3.72
CA ASP A 421 2.09 -18.13 -4.01
C ASP A 421 1.33 -17.23 -3.04
N GLU A 422 1.77 -17.09 -1.78
CA GLU A 422 1.07 -16.17 -0.84
C GLU A 422 1.25 -14.73 -1.35
N ALA A 423 2.39 -14.40 -1.93
CA ALA A 423 2.61 -13.09 -2.57
C ALA A 423 1.64 -12.87 -3.73
N ARG A 424 1.32 -13.91 -4.53
CA ARG A 424 0.35 -13.79 -5.64
C ARG A 424 -1.03 -13.54 -5.05
N ARG A 425 -1.37 -14.28 -3.99
CA ARG A 425 -2.69 -14.18 -3.36
C ARG A 425 -2.81 -12.77 -2.73
N MET A 426 -1.74 -12.22 -2.13
CA MET A 426 -1.67 -10.89 -1.47
CA MET A 426 -1.89 -10.91 -1.47
C MET A 426 -2.00 -9.81 -2.54
N ALA A 427 -1.52 -10.01 -3.76
CA ALA A 427 -1.74 -9.14 -4.93
C ALA A 427 -3.14 -9.38 -5.51
N GLU A 428 -3.83 -10.46 -5.18
CA GLU A 428 -5.17 -10.78 -5.76
C GLU A 428 -5.08 -10.79 -7.29
N GLN A 429 -4.00 -11.36 -7.81
CA GLN A 429 -3.73 -11.48 -9.28
C GLN A 429 -2.96 -12.78 -9.49
N ARG A 430 -3.47 -13.63 -10.33
CA ARG A 430 -2.80 -14.91 -10.67
C ARG A 430 -1.43 -14.65 -11.27
N ASP A 431 -1.25 -13.52 -11.98
CA ASP A 431 -0.09 -13.21 -12.85
C ASP A 431 0.88 -12.22 -12.18
N ARG A 432 0.54 -11.69 -11.00
CA ARG A 432 1.43 -10.76 -10.27
C ARG A 432 1.67 -11.24 -8.83
N MET A 433 2.70 -10.68 -8.24
CA MET A 433 3.06 -11.00 -6.85
C MET A 433 3.25 -9.69 -6.12
N ASP A 434 2.81 -9.69 -4.88
CA ASP A 434 3.09 -8.58 -3.95
C ASP A 434 4.58 -8.29 -3.87
N ALA A 435 4.98 -7.02 -4.04
CA ALA A 435 6.39 -6.58 -4.08
C ALA A 435 6.90 -6.19 -2.69
N ARG A 436 6.05 -6.25 -1.66
CA ARG A 436 6.44 -5.84 -0.29
C ARG A 436 7.36 -6.89 0.38
N LEU A 437 8.65 -6.77 0.13
CA LEU A 437 9.68 -7.67 0.70
C LEU A 437 9.57 -7.68 2.21
N VAL A 438 9.29 -6.56 2.84
CA VAL A 438 9.22 -6.50 4.31
C VAL A 438 8.06 -7.37 4.77
N GLU A 439 6.90 -7.36 4.08
CA GLU A 439 5.74 -8.18 4.50
C GLU A 439 6.06 -9.65 4.26
N ILE A 440 6.76 -9.98 3.19
CA ILE A 440 7.09 -11.38 2.90
C ILE A 440 8.10 -11.89 3.96
N ARG A 441 9.08 -11.08 4.32
CA ARG A 441 10.05 -11.39 5.38
C ARG A 441 9.30 -11.61 6.72
N ALA A 442 8.37 -10.73 7.12
CA ALA A 442 7.69 -10.87 8.42
C ALA A 442 6.91 -12.21 8.47
N LEU A 443 6.22 -12.58 7.40
CA LEU A 443 5.48 -13.88 7.35
C LEU A 443 6.49 -15.03 7.43
N ALA A 444 7.59 -14.92 6.69
CA ALA A 444 8.68 -15.91 6.72
C ALA A 444 9.23 -16.04 8.15
N GLU A 445 9.36 -14.95 8.92
CA GLU A 445 9.91 -15.06 10.29
C GLU A 445 8.96 -15.86 11.20
N GLU A 446 7.65 -15.68 11.05
CA GLU A 446 6.65 -16.42 11.86
C GLU A 446 6.66 -17.90 11.42
N ALA A 447 6.76 -18.15 10.13
CA ALA A 447 6.89 -19.51 9.55
C ALA A 447 8.11 -20.18 10.14
N ALA A 448 9.24 -19.49 10.19
CA ALA A 448 10.52 -20.08 10.66
C ALA A 448 10.33 -20.54 12.10
N VAL A 449 9.63 -19.80 12.94
CA VAL A 449 9.37 -20.25 14.34
C VAL A 449 8.48 -21.51 14.33
N LEU A 450 7.42 -21.54 13.54
CA LEU A 450 6.53 -22.72 13.50
C LEU A 450 7.27 -23.94 12.91
N GLY A 451 8.31 -23.73 12.11
CA GLY A 451 9.14 -24.79 11.52
C GLY A 451 10.40 -25.09 12.34
N GLY A 452 10.51 -24.59 13.58
CA GLY A 452 11.71 -24.79 14.42
C GLY A 452 12.99 -24.29 13.77
N GLY A 453 12.94 -23.25 12.91
CA GLY A 453 14.15 -22.67 12.26
C GLY A 453 14.14 -22.93 10.76
N LEU A 454 13.33 -23.89 10.32
CA LEU A 454 13.26 -24.28 8.89
C LEU A 454 11.98 -23.71 8.28
N LEU A 455 12.17 -23.07 7.13
CA LEU A 455 11.11 -22.42 6.36
C LEU A 455 10.61 -23.39 5.29
N THR A 456 9.50 -24.06 5.61
CA THR A 456 8.93 -25.19 4.84
C THR A 456 7.59 -24.78 4.28
N ALA A 457 7.06 -25.60 3.40
CA ALA A 457 5.67 -25.46 2.92
C ALA A 457 4.70 -25.39 4.11
N GLU A 458 4.80 -26.37 4.99
CA GLU A 458 3.91 -26.48 6.15
C GLU A 458 4.06 -25.23 7.02
N SER A 459 5.27 -24.80 7.34
CA SER A 459 5.49 -23.68 8.29
C SER A 459 4.82 -22.41 7.72
N VAL A 460 4.93 -22.19 6.42
CA VAL A 460 4.27 -21.02 5.76
C VAL A 460 2.75 -21.16 5.82
N GLU A 461 2.19 -22.31 5.43
CA GLU A 461 0.74 -22.54 5.43
C GLU A 461 0.24 -22.34 6.87
N GLN A 462 0.99 -22.81 7.85
CA GLN A 462 0.53 -22.77 9.26
C GLN A 462 0.75 -21.36 9.83
N ALA A 463 1.72 -20.59 9.33
CA ALA A 463 1.89 -19.19 9.75
C ALA A 463 0.70 -18.38 9.21
N ILE A 464 0.31 -18.61 7.97
CA ILE A 464 -0.88 -17.97 7.36
C ILE A 464 -2.11 -18.31 8.20
N ALA A 465 -2.36 -19.59 8.48
CA ALA A 465 -3.52 -20.03 9.29
C ALA A 465 -3.53 -19.38 10.67
N ALA A 466 -2.38 -19.28 11.35
CA ALA A 466 -2.32 -18.73 12.71
C ALA A 466 -2.62 -17.22 12.64
N ARG A 467 -2.16 -16.50 11.58
CA ARG A 467 -2.60 -15.10 11.38
C ARG A 467 -4.13 -14.97 11.34
N GLU A 468 -4.80 -15.78 10.52
CA GLU A 468 -6.26 -15.74 10.43
C GLU A 468 -6.83 -16.09 11.81
N HIS A 469 -6.28 -17.08 12.49
CA HIS A 469 -6.84 -17.45 13.82
C HIS A 469 -6.75 -16.26 14.76
N ARG A 470 -5.61 -15.58 14.79
CA ARG A 470 -5.34 -14.51 15.76
C ARG A 470 -6.29 -13.34 15.47
N SER A 471 -6.87 -13.24 14.27
CA SER A 471 -7.82 -12.16 13.88
C SER A 471 -9.26 -12.67 13.68
N PHE A 472 -9.57 -13.86 14.12
CA PHE A 472 -10.86 -14.52 13.81
C PHE A 472 -11.97 -14.21 14.84
N LEU A 473 -11.71 -13.53 15.96
CA LEU A 473 -12.79 -13.42 17.01
C LEU A 473 -14.09 -12.85 16.41
N SER A 474 -14.00 -11.80 15.60
CA SER A 474 -15.14 -11.10 14.97
C SER A 474 -15.98 -12.12 14.15
N GLU A 475 -15.33 -13.03 13.44
CA GLU A 475 -15.99 -14.02 12.56
C GLU A 475 -16.54 -15.15 13.41
N GLU A 476 -15.85 -15.55 14.45
CA GLU A 476 -16.42 -16.55 15.37
C GLU A 476 -17.74 -16.00 15.98
N GLU A 477 -17.77 -14.75 16.41
CA GLU A 477 -19.00 -14.12 16.97
C GLU A 477 -20.09 -14.09 15.87
N PHE A 478 -19.73 -13.71 14.65
CA PHE A 478 -20.69 -13.56 13.54
C PHE A 478 -21.28 -14.94 13.28
N LEU A 479 -20.43 -15.96 13.17
CA LEU A 479 -20.86 -17.32 12.77
C LEU A 479 -21.72 -17.89 13.90
N ARG A 480 -21.40 -17.65 15.15
CA ARG A 480 -22.24 -18.13 16.28
C ARG A 480 -23.63 -17.47 16.21
N ALA A 481 -23.70 -16.16 15.94
CA ALA A 481 -24.95 -15.40 15.85
C ALA A 481 -25.82 -15.96 14.70
N VAL A 482 -25.22 -16.32 13.56
CA VAL A 482 -25.94 -16.94 12.41
C VAL A 482 -26.45 -18.31 12.86
N GLN A 483 -25.60 -19.12 13.50
CA GLN A 483 -26.01 -20.48 13.92
C GLN A 483 -27.16 -20.37 14.93
N GLU A 484 -27.16 -19.37 15.81
CA GLU A 484 -28.20 -19.24 16.87
C GLU A 484 -29.50 -18.65 16.29
N GLY A 485 -29.50 -18.12 15.07
CA GLY A 485 -30.67 -17.48 14.43
C GLY A 485 -30.76 -16.01 14.84
N VAL A 486 -29.76 -15.49 15.54
CA VAL A 486 -29.76 -14.05 15.96
C VAL A 486 -29.57 -13.21 14.70
N ILE A 487 -28.71 -13.68 13.80
CA ILE A 487 -28.66 -13.17 12.40
C ILE A 487 -29.38 -14.19 11.54
N ARG A 488 -30.37 -13.74 10.78
CA ARG A 488 -31.25 -14.60 9.96
C ARG A 488 -30.65 -14.72 8.58
N LEU A 489 -30.12 -15.87 8.22
CA LEU A 489 -29.49 -16.08 6.90
C LEU A 489 -30.06 -17.37 6.34
N ARG A 490 -30.23 -17.45 5.03
CA ARG A 490 -30.61 -18.70 4.36
C ARG A 490 -29.49 -19.08 3.42
N THR A 491 -29.05 -20.34 3.44
CA THR A 491 -28.00 -20.85 2.55
C THR A 491 -28.52 -22.04 1.77
N THR A 492 -29.83 -22.28 1.82
CA THR A 492 -30.50 -23.37 1.09
C THR A 492 -31.93 -22.94 0.75
N GLY A 493 -32.60 -23.69 -0.11
CA GLY A 493 -33.97 -23.42 -0.55
C GLY A 493 -34.08 -22.27 -1.56
N ARG A 494 -35.30 -21.77 -1.75
CA ARG A 494 -35.61 -20.73 -2.74
C ARG A 494 -36.50 -19.68 -2.06
N ALA A 495 -36.46 -18.45 -2.52
CA ALA A 495 -37.36 -17.39 -2.06
C ALA A 495 -37.40 -16.32 -3.16
N VAL A 496 -38.53 -15.66 -3.24
CA VAL A 496 -38.78 -14.55 -4.18
C VAL A 496 -38.18 -13.26 -3.59
N GLY A 497 -37.47 -12.50 -4.42
CA GLY A 497 -37.07 -11.15 -4.03
C GLY A 497 -35.98 -11.13 -2.95
N GLU A 498 -35.21 -12.21 -2.81
CA GLU A 498 -34.19 -12.35 -1.75
C GLU A 498 -32.94 -12.96 -2.35
N VAL A 499 -31.80 -12.51 -1.87
CA VAL A 499 -30.48 -12.88 -2.41
C VAL A 499 -29.49 -12.61 -1.28
N ASN A 500 -28.50 -13.46 -1.12
CA ASN A 500 -27.23 -13.19 -0.39
C ASN A 500 -26.26 -12.44 -1.31
N SER A 501 -26.04 -11.15 -1.04
CA SER A 501 -24.91 -10.44 -1.64
C SER A 501 -23.70 -10.71 -0.75
N LEU A 502 -22.56 -10.17 -1.13
CA LEU A 502 -21.32 -10.33 -0.36
C LEU A 502 -20.68 -9.00 -0.06
N VAL A 503 -20.13 -8.90 1.14
CA VAL A 503 -19.43 -7.67 1.56
C VAL A 503 -18.14 -8.06 2.27
N VAL A 504 -17.32 -7.06 2.48
CA VAL A 504 -16.14 -7.24 3.37
C VAL A 504 -16.25 -6.23 4.50
N VAL A 505 -15.89 -6.63 5.70
CA VAL A 505 -16.00 -5.65 6.82
C VAL A 505 -14.79 -4.75 6.72
N GLU A 506 -14.97 -3.45 6.93
CA GLU A 506 -13.88 -2.44 6.71
C GLU A 506 -13.01 -2.34 7.98
N ALA A 507 -12.35 -3.42 8.35
CA ALA A 507 -11.30 -3.45 9.40
C ALA A 507 -10.40 -4.61 9.02
N ALA A 508 -9.08 -4.43 9.09
CA ALA A 508 -8.11 -5.49 8.73
C ALA A 508 -8.43 -6.69 9.62
N PRO A 509 -8.34 -7.93 9.14
CA PRO A 509 -7.88 -8.29 7.80
C PRO A 509 -8.96 -8.36 6.70
N TYR A 510 -10.10 -7.66 6.84
CA TYR A 510 -11.14 -7.53 5.78
C TYR A 510 -11.78 -8.90 5.52
N TRP A 511 -12.45 -9.48 6.52
CA TRP A 511 -13.23 -10.72 6.34
C TRP A 511 -14.44 -10.44 5.45
N GLY A 512 -14.77 -11.36 4.59
CA GLY A 512 -15.99 -11.33 3.79
C GLY A 512 -17.15 -11.95 4.55
N ARG A 513 -18.35 -11.52 4.25
CA ARG A 513 -19.58 -12.03 4.85
C ARG A 513 -20.68 -11.93 3.82
N PRO A 514 -21.66 -12.84 3.90
CA PRO A 514 -22.89 -12.66 3.18
C PRO A 514 -23.69 -11.50 3.80
N ALA A 515 -24.43 -10.80 2.94
CA ALA A 515 -25.34 -9.70 3.33
C ALA A 515 -26.67 -9.99 2.65
N ARG A 516 -27.62 -10.41 3.44
CA ARG A 516 -28.99 -10.70 2.97
C ARG A 516 -29.62 -9.41 2.49
N LEU A 517 -30.23 -9.48 1.32
CA LEU A 517 -30.86 -8.36 0.61
C LEU A 517 -32.26 -8.81 0.26
N THR A 518 -33.26 -7.97 0.47
CA THR A 518 -34.65 -8.19 0.01
C THR A 518 -35.05 -7.06 -0.93
N ALA A 519 -35.87 -7.40 -1.90
CA ALA A 519 -36.55 -6.51 -2.85
C ALA A 519 -38.06 -6.82 -2.76
N ARG A 520 -38.87 -5.80 -2.57
CA ARG A 520 -40.35 -5.94 -2.57
C ARG A 520 -40.93 -5.02 -3.64
N ALA A 521 -41.89 -5.54 -4.39
CA ALA A 521 -42.49 -4.81 -5.52
C ALA A 521 -43.94 -4.52 -5.18
N ALA A 522 -44.34 -3.33 -5.46
CA ALA A 522 -45.73 -2.89 -5.29
C ALA A 522 -46.09 -2.07 -6.51
N PRO A 523 -47.40 -1.96 -6.81
CA PRO A 523 -47.89 -1.07 -7.87
C PRO A 523 -47.60 0.37 -7.43
N GLY A 524 -47.01 1.17 -8.32
CA GLY A 524 -46.66 2.56 -8.02
C GLY A 524 -46.06 3.22 -9.23
N ARG A 525 -45.29 4.30 -9.04
CA ARG A 525 -44.97 5.29 -10.10
C ARG A 525 -43.45 5.29 -10.32
N ASP A 526 -42.94 4.21 -10.90
CA ASP A 526 -41.50 4.06 -11.26
C ASP A 526 -40.60 4.62 -10.15
N HIS A 527 -40.61 4.02 -8.95
CA HIS A 527 -39.64 4.37 -7.87
C HIS A 527 -38.82 3.12 -7.53
N LEU A 528 -37.50 3.20 -7.62
CA LEU A 528 -36.57 2.22 -7.01
C LEU A 528 -36.01 2.87 -5.73
N ILE A 529 -36.37 2.34 -4.58
CA ILE A 529 -36.06 2.89 -3.22
C ILE A 529 -34.94 2.01 -2.63
N SER A 530 -33.75 2.53 -2.40
CA SER A 530 -32.72 1.94 -1.51
C SER A 530 -33.03 2.33 -0.05
N ILE A 531 -33.56 1.43 0.77
CA ILE A 531 -33.91 1.78 2.17
C ILE A 531 -32.63 2.17 2.93
N ASP A 532 -31.52 1.50 2.70
CA ASP A 532 -30.26 1.81 3.39
C ASP A 532 -29.77 3.18 2.98
N ARG A 533 -29.91 3.53 1.69
CA ARG A 533 -29.45 4.87 1.23
C ARG A 533 -30.36 5.96 1.85
N GLU A 534 -31.67 5.77 1.86
CA GLU A 534 -32.65 6.76 2.42
C GLU A 534 -32.44 6.94 3.92
N ALA A 535 -32.02 5.89 4.63
CA ALA A 535 -31.78 5.94 6.08
C ALA A 535 -30.40 6.55 6.36
N GLY A 536 -29.58 6.79 5.33
CA GLY A 536 -28.28 7.46 5.50
C GLY A 536 -27.15 6.45 5.69
N LEU A 537 -27.37 5.17 5.50
CA LEU A 537 -26.30 4.16 5.74
C LEU A 537 -25.46 3.95 4.47
N GLY A 538 -26.03 4.24 3.30
CA GLY A 538 -25.41 3.94 2.01
C GLY A 538 -24.57 5.09 1.53
N GLY A 539 -23.36 4.80 1.04
CA GLY A 539 -22.45 5.84 0.51
C GLY A 539 -22.78 6.21 -0.93
N GLN A 540 -22.01 7.14 -1.46
CA GLN A 540 -22.20 7.76 -2.80
C GLN A 540 -22.11 6.73 -3.92
N ILE A 541 -21.14 5.83 -3.89
CA ILE A 541 -20.98 4.78 -4.93
C ILE A 541 -22.08 3.71 -4.78
N PHE A 542 -22.45 3.38 -3.54
CA PHE A 542 -23.62 2.50 -3.30
C PHE A 542 -24.88 3.11 -3.90
N HIS A 543 -25.06 4.42 -3.68
CA HIS A 543 -26.16 5.19 -4.27
C HIS A 543 -26.08 5.17 -5.80
N LYS A 544 -24.91 5.46 -6.33
CA LYS A 544 -24.71 5.44 -7.79
C LYS A 544 -25.18 4.09 -8.36
N ALA A 545 -24.84 2.96 -7.73
CA ALA A 545 -25.26 1.63 -8.21
C ALA A 545 -26.79 1.52 -8.28
N VAL A 546 -27.48 2.05 -7.29
CA VAL A 546 -28.97 1.97 -7.28
C VAL A 546 -29.50 2.82 -8.45
N LEU A 547 -28.99 4.05 -8.60
CA LEU A 547 -29.38 4.91 -9.77
C LEU A 547 -29.14 4.18 -11.11
N THR A 548 -28.03 3.48 -11.23
CA THR A 548 -27.60 2.82 -12.48
C THR A 548 -28.62 1.71 -12.76
N LEU A 549 -28.98 0.93 -11.73
CA LEU A 549 -29.98 -0.15 -11.81
C LEU A 549 -31.32 0.43 -12.27
N ALA A 550 -31.76 1.53 -11.67
CA ALA A 550 -32.98 2.25 -12.06
C ALA A 550 -32.92 2.59 -13.55
N GLY A 551 -31.78 3.08 -14.03
CA GLY A 551 -31.62 3.41 -15.44
C GLY A 551 -31.75 2.17 -16.30
N TYR A 552 -31.11 1.09 -15.89
CA TYR A 552 -31.27 -0.17 -16.65
C TYR A 552 -32.76 -0.57 -16.69
N LEU A 553 -33.45 -0.58 -15.54
CA LEU A 553 -34.81 -1.18 -15.46
C LEU A 553 -35.78 -0.33 -16.29
N ARG A 554 -35.76 0.98 -16.10
CA ARG A 554 -36.70 1.89 -16.82
C ARG A 554 -36.53 1.72 -18.33
N SER A 555 -35.30 1.60 -18.83
CA SER A 555 -35.03 1.64 -20.27
C SER A 555 -35.27 0.26 -20.83
N ARG A 556 -35.18 -0.78 -20.00
CA ARG A 556 -35.28 -2.16 -20.51
C ARG A 556 -36.77 -2.50 -20.73
N TYR A 557 -37.67 -1.98 -19.91
CA TYR A 557 -39.10 -2.41 -19.82
C TYR A 557 -39.97 -1.18 -20.07
N ILE A 558 -40.18 -0.85 -21.35
CA ILE A 558 -40.85 0.42 -21.73
C ILE A 558 -42.30 0.20 -22.23
N GLU A 559 -42.78 -1.04 -22.37
CA GLU A 559 -44.07 -1.39 -23.04
C GLU A 559 -45.25 -0.63 -22.38
N HIS A 560 -45.22 -0.41 -21.07
CA HIS A 560 -46.30 0.28 -20.28
C HIS A 560 -45.98 1.76 -20.09
N GLY A 561 -45.04 2.33 -20.84
CA GLY A 561 -44.54 3.67 -20.48
C GLY A 561 -43.64 3.53 -19.25
N SER A 562 -43.67 4.48 -18.33
CA SER A 562 -42.80 4.41 -17.14
C SER A 562 -43.16 3.16 -16.34
N LEU A 563 -42.19 2.57 -15.61
CA LEU A 563 -42.42 1.32 -14.83
C LEU A 563 -43.63 1.51 -13.92
N PRO A 564 -44.59 0.56 -13.96
CA PRO A 564 -45.73 0.54 -13.05
C PRO A 564 -45.43 -0.03 -11.66
N VAL A 565 -44.18 0.04 -11.19
CA VAL A 565 -43.80 -0.53 -9.86
C VAL A 565 -42.97 0.46 -9.06
N THR A 566 -43.20 0.38 -7.76
CA THR A 566 -42.31 0.84 -6.68
C THR A 566 -41.60 -0.39 -6.11
N ILE A 567 -40.29 -0.39 -6.16
CA ILE A 567 -39.41 -1.48 -5.63
C ILE A 567 -38.59 -0.94 -4.48
N SER A 568 -38.64 -1.59 -3.32
CA SER A 568 -37.82 -1.18 -2.17
C SER A 568 -36.78 -2.27 -1.91
N LEU A 569 -35.54 -1.86 -1.72
CA LEU A 569 -34.40 -2.75 -1.47
C LEU A 569 -33.96 -2.52 -0.05
N ALA A 570 -33.67 -3.60 0.68
CA ALA A 570 -33.08 -3.49 2.04
C ALA A 570 -32.04 -4.58 2.25
N PHE A 571 -30.93 -4.17 2.83
CA PHE A 571 -29.90 -5.07 3.41
C PHE A 571 -30.40 -5.39 4.79
N GLU A 572 -30.92 -6.60 4.93
CA GLU A 572 -31.72 -6.91 6.14
C GLU A 572 -30.82 -6.92 7.38
N GLN A 573 -29.61 -7.31 7.48
CA GLN A 573 -29.53 -6.98 8.98
C GLN A 573 -28.38 -6.01 9.18
N ASN A 574 -28.47 -4.89 8.47
CA ASN A 574 -27.30 -4.04 8.27
C ASN A 574 -27.49 -2.83 9.18
N TYR A 575 -26.51 -2.56 10.04
CA TYR A 575 -26.67 -1.57 11.14
C TYR A 575 -25.63 -0.47 10.98
N VAL A 576 -24.89 -0.49 9.86
CA VAL A 576 -23.58 0.14 9.69
C VAL A 576 -23.54 0.73 8.26
N SER A 577 -22.62 1.61 7.94
CA SER A 577 -22.52 2.13 6.54
C SER A 577 -22.14 0.99 5.59
N ILE A 578 -22.68 1.04 4.39
CA ILE A 578 -22.28 0.16 3.26
C ILE A 578 -21.81 1.11 2.20
N GLU A 579 -20.72 0.80 1.57
CA GLU A 579 -20.26 1.61 0.42
C GLU A 579 -19.89 0.62 -0.67
N GLY A 580 -19.80 1.09 -1.89
CA GLY A 580 -19.36 0.28 -3.03
C GLY A 580 -20.55 -0.16 -3.85
N ASP A 581 -20.28 -0.62 -5.06
CA ASP A 581 -21.29 -0.87 -6.11
C ASP A 581 -21.46 -2.38 -6.27
N ALA A 582 -20.76 -3.19 -5.50
CA ALA A 582 -20.66 -4.64 -5.77
C ALA A 582 -21.95 -5.39 -5.36
N ALA A 583 -22.93 -4.71 -4.75
CA ALA A 583 -24.22 -5.37 -4.45
C ALA A 583 -25.25 -5.03 -5.56
N GLY A 584 -24.83 -4.29 -6.58
CA GLY A 584 -25.71 -3.93 -7.72
C GLY A 584 -26.29 -5.17 -8.36
N LEU A 585 -25.46 -6.18 -8.63
CA LEU A 585 -26.01 -7.38 -9.30
C LEU A 585 -27.06 -8.03 -8.40
N ALA A 586 -26.74 -8.24 -7.12
CA ALA A 586 -27.72 -8.87 -6.18
C ALA A 586 -29.00 -8.03 -6.16
N GLU A 587 -28.87 -6.70 -6.16
CA GLU A 587 -30.03 -5.78 -6.09
C GLU A 587 -30.91 -5.90 -7.35
N LEU A 588 -30.28 -6.03 -8.52
CA LEU A 588 -31.03 -6.06 -9.77
C LEU A 588 -31.72 -7.41 -9.89
N VAL A 589 -31.01 -8.50 -9.61
CA VAL A 589 -31.67 -9.83 -9.72
C VAL A 589 -32.80 -9.92 -8.67
N ALA A 590 -32.60 -9.40 -7.46
CA ALA A 590 -33.66 -9.35 -6.44
C ALA A 590 -34.86 -8.63 -7.02
N ALA A 591 -34.63 -7.49 -7.70
CA ALA A 591 -35.69 -6.60 -8.21
C ALA A 591 -36.46 -7.33 -9.32
N LEU A 592 -35.76 -7.95 -10.26
CA LEU A 592 -36.36 -8.70 -11.38
C LEU A 592 -37.20 -9.85 -10.81
N SER A 593 -36.67 -10.50 -9.79
CA SER A 593 -37.36 -11.62 -9.10
C SER A 593 -38.68 -11.14 -8.48
N ALA A 594 -38.62 -10.02 -7.77
CA ALA A 594 -39.82 -9.43 -7.16
C ALA A 594 -40.82 -9.04 -8.28
N ILE A 595 -40.39 -8.50 -9.41
CA ILE A 595 -41.33 -8.09 -10.49
C ILE A 595 -42.00 -9.35 -11.03
N GLY A 596 -41.22 -10.41 -11.31
CA GLY A 596 -41.74 -11.59 -12.03
C GLY A 596 -42.24 -12.67 -11.09
N ASN A 597 -42.10 -12.51 -9.79
CA ASN A 597 -42.47 -13.54 -8.80
C ASN A 597 -41.57 -14.77 -9.05
N LEU A 598 -40.27 -14.59 -9.23
CA LEU A 598 -39.30 -15.68 -9.59
C LEU A 598 -38.58 -16.16 -8.34
N PRO A 599 -38.85 -17.40 -7.90
CA PRO A 599 -38.08 -17.99 -6.82
C PRO A 599 -36.61 -18.05 -7.20
N LEU A 600 -35.73 -17.58 -6.29
CA LEU A 600 -34.25 -17.58 -6.48
C LEU A 600 -33.64 -18.52 -5.47
N ARG A 601 -32.68 -19.29 -5.93
CA ARG A 601 -31.78 -20.11 -5.11
C ARG A 601 -31.10 -19.24 -4.06
N GLN A 602 -31.13 -19.65 -2.80
CA GLN A 602 -30.46 -18.96 -1.66
C GLN A 602 -29.11 -19.60 -1.37
N ASP A 603 -28.78 -20.69 -2.08
CA ASP A 603 -27.52 -21.44 -1.87
C ASP A 603 -26.40 -20.81 -2.71
N LEU A 604 -26.72 -19.86 -3.58
CA LEU A 604 -25.71 -19.14 -4.38
C LEU A 604 -25.68 -17.67 -3.98
N ALA A 605 -24.54 -17.20 -3.45
CA ALA A 605 -24.35 -15.78 -3.14
C ALA A 605 -24.01 -15.07 -4.46
N VAL A 606 -24.19 -13.75 -4.52
CA VAL A 606 -24.09 -12.99 -5.78
C VAL A 606 -23.23 -11.76 -5.52
N THR A 607 -22.20 -11.52 -6.33
CA THR A 607 -21.37 -10.33 -6.20
C THR A 607 -21.10 -9.84 -7.62
N GLY A 608 -21.16 -8.53 -7.83
CA GLY A 608 -20.94 -7.93 -9.16
C GLY A 608 -21.49 -6.54 -9.23
N ALA A 609 -20.78 -5.64 -9.87
CA ALA A 609 -21.36 -4.32 -10.20
C ALA A 609 -22.12 -4.44 -11.53
N VAL A 610 -23.12 -3.59 -11.76
CA VAL A 610 -23.83 -3.60 -13.05
C VAL A 610 -23.75 -2.23 -13.71
N ASP A 611 -23.58 -2.18 -15.03
CA ASP A 611 -23.72 -0.88 -15.76
C ASP A 611 -25.17 -0.69 -16.21
N GLN A 612 -25.47 0.45 -16.82
CA GLN A 612 -26.84 0.82 -17.24
C GLN A 612 -27.32 -0.13 -18.31
N THR A 613 -26.41 -0.82 -18.99
CA THR A 613 -26.77 -1.72 -20.09
C THR A 613 -27.01 -3.14 -19.55
N GLY A 614 -26.79 -3.39 -18.25
CA GLY A 614 -27.00 -4.71 -17.62
C GLY A 614 -25.79 -5.64 -17.70
N LYS A 615 -24.63 -5.13 -18.10
CA LYS A 615 -23.36 -5.88 -18.05
C LYS A 615 -22.80 -5.93 -16.63
N VAL A 616 -22.15 -7.04 -16.31
CA VAL A 616 -21.56 -7.23 -14.97
C VAL A 616 -20.09 -6.82 -15.00
N LEU A 617 -19.73 -6.03 -14.03
CA LEU A 617 -18.41 -5.37 -13.91
C LEU A 617 -17.67 -5.98 -12.73
N ALA A 618 -16.32 -5.91 -12.79
CA ALA A 618 -15.39 -6.41 -11.75
C ALA A 618 -15.68 -5.76 -10.41
N VAL A 619 -15.43 -6.52 -9.36
CA VAL A 619 -15.55 -6.02 -7.94
C VAL A 619 -14.24 -6.25 -7.20
N GLY A 620 -14.09 -5.62 -6.06
CA GLY A 620 -12.91 -5.81 -5.22
C GLY A 620 -13.07 -6.94 -4.23
N ALA A 621 -11.95 -7.37 -3.65
CA ALA A 621 -11.86 -8.31 -2.52
C ALA A 621 -12.59 -9.60 -2.90
N ILE A 622 -12.41 -10.10 -4.12
CA ILE A 622 -13.31 -11.20 -4.62
C ILE A 622 -12.99 -12.48 -3.82
N ASN A 623 -11.72 -12.69 -3.45
CA ASN A 623 -11.29 -13.88 -2.67
C ASN A 623 -11.97 -13.85 -1.28
N ALA A 624 -11.91 -12.73 -0.60
CA ALA A 624 -12.50 -12.59 0.77
C ALA A 624 -14.01 -12.82 0.64
N LYS A 625 -14.62 -12.23 -0.36
CA LYS A 625 -16.07 -12.41 -0.59
C LYS A 625 -16.44 -13.88 -0.75
N VAL A 626 -15.81 -14.56 -1.71
CA VAL A 626 -16.12 -15.99 -1.97
C VAL A 626 -15.89 -16.80 -0.68
N GLU A 627 -14.75 -16.59 -0.03
CA GLU A 627 -14.35 -17.42 1.13
C GLU A 627 -15.32 -17.18 2.29
N GLY A 628 -15.84 -15.96 2.39
CA GLY A 628 -16.78 -15.65 3.46
C GLY A 628 -18.11 -16.34 3.23
N PHE A 629 -18.54 -16.48 1.99
CA PHE A 629 -19.77 -17.29 1.79
C PHE A 629 -19.49 -18.76 2.10
N PHE A 630 -18.34 -19.27 1.67
CA PHE A 630 -18.00 -20.69 1.94
C PHE A 630 -18.00 -20.95 3.45
N ARG A 631 -17.38 -20.03 4.21
CA ARG A 631 -17.27 -20.11 5.69
C ARG A 631 -18.66 -20.19 6.32
N VAL A 632 -19.60 -19.34 5.91
CA VAL A 632 -20.98 -19.40 6.46
C VAL A 632 -21.63 -20.72 6.04
N CYS A 633 -21.48 -21.16 4.81
CA CYS A 633 -22.14 -22.40 4.32
C CYS A 633 -21.63 -23.58 5.14
N LYS A 634 -20.35 -23.59 5.40
CA LYS A 634 -19.65 -24.68 6.11
C LYS A 634 -20.12 -24.66 7.57
N ALA A 635 -20.33 -23.50 8.17
CA ALA A 635 -20.69 -23.40 9.61
C ALA A 635 -22.12 -23.91 9.74
N LEU A 636 -22.95 -23.74 8.71
CA LEU A 636 -24.35 -24.18 8.76
C LEU A 636 -24.51 -25.59 8.19
N GLY A 637 -23.45 -26.23 7.68
CA GLY A 637 -23.48 -27.59 7.10
C GLY A 637 -23.65 -27.51 5.61
N LEU A 638 -22.63 -27.90 4.89
CA LEU A 638 -22.61 -27.75 3.42
C LEU A 638 -23.71 -28.60 2.84
N SER A 639 -24.47 -28.08 1.88
CA SER A 639 -25.58 -28.84 1.28
C SER A 639 -25.04 -29.67 0.10
N GLY A 640 -23.91 -29.30 -0.48
CA GLY A 640 -23.45 -29.85 -1.78
C GLY A 640 -23.84 -29.00 -2.98
N THR A 641 -24.64 -27.97 -2.84
CA THR A 641 -25.11 -27.18 -4.01
C THR A 641 -24.76 -25.69 -3.83
N GLN A 642 -23.96 -25.31 -2.83
CA GLN A 642 -23.72 -23.88 -2.52
C GLN A 642 -22.62 -23.33 -3.42
N GLY A 643 -22.53 -22.02 -3.51
CA GLY A 643 -21.58 -21.40 -4.43
C GLY A 643 -21.78 -19.92 -4.52
N VAL A 644 -21.13 -19.33 -5.51
CA VAL A 644 -21.09 -17.86 -5.73
C VAL A 644 -21.20 -17.64 -7.23
N ILE A 645 -21.96 -16.64 -7.58
CA ILE A 645 -21.97 -16.07 -8.93
C ILE A 645 -21.21 -14.76 -8.83
N LEU A 646 -20.21 -14.61 -9.70
CA LEU A 646 -19.27 -13.48 -9.65
C LEU A 646 -18.96 -13.04 -11.08
N PRO A 647 -18.30 -11.88 -11.25
CA PRO A 647 -18.02 -11.37 -12.58
C PRO A 647 -16.93 -12.18 -13.29
N GLU A 648 -17.21 -12.50 -14.54
CA GLU A 648 -16.18 -13.06 -15.44
C GLU A 648 -14.98 -12.12 -15.47
N ALA A 649 -15.20 -10.85 -15.29
CA ALA A 649 -14.11 -9.86 -15.30
C ALA A 649 -13.17 -10.10 -14.11
N ASN A 650 -13.53 -10.88 -13.09
CA ASN A 650 -12.65 -11.11 -11.91
C ASN A 650 -11.84 -12.42 -12.07
N LEU A 651 -11.89 -13.14 -13.19
CA LEU A 651 -11.22 -14.48 -13.29
C LEU A 651 -9.72 -14.37 -12.94
N ALA A 652 -9.04 -13.32 -13.35
CA ALA A 652 -7.60 -13.13 -13.12
C ALA A 652 -7.33 -12.80 -11.66
N ASN A 653 -8.36 -12.47 -10.86
CA ASN A 653 -8.17 -12.06 -9.44
C ASN A 653 -8.38 -13.28 -8.54
N LEU A 654 -8.92 -14.38 -9.05
CA LEU A 654 -9.31 -15.53 -8.18
C LEU A 654 -8.07 -16.31 -7.79
N THR A 655 -7.69 -16.20 -6.53
CA THR A 655 -6.57 -16.94 -5.94
C THR A 655 -7.09 -17.51 -4.64
N LEU A 656 -8.08 -18.40 -4.76
CA LEU A 656 -8.90 -18.93 -3.64
C LEU A 656 -8.07 -19.89 -2.79
N ARG A 657 -8.35 -19.86 -1.50
CA ARG A 657 -7.65 -20.67 -0.48
C ARG A 657 -7.94 -22.14 -0.76
N ALA A 658 -7.00 -22.98 -0.34
CA ALA A 658 -7.01 -24.46 -0.51
C ALA A 658 -8.37 -25.07 -0.21
N GLU A 659 -8.96 -24.70 0.93
CA GLU A 659 -10.22 -25.30 1.43
C GLU A 659 -11.35 -25.04 0.42
N VAL A 660 -11.39 -23.88 -0.21
CA VAL A 660 -12.47 -23.62 -1.21
C VAL A 660 -12.17 -24.41 -2.50
N LEU A 661 -10.92 -24.37 -2.97
CA LEU A 661 -10.51 -25.16 -4.15
C LEU A 661 -10.86 -26.65 -3.93
N GLU A 662 -10.59 -27.20 -2.77
CA GLU A 662 -10.88 -28.66 -2.54
C GLU A 662 -12.39 -28.89 -2.54
N ALA A 663 -13.20 -27.93 -2.04
CA ALA A 663 -14.67 -28.10 -2.00
C ALA A 663 -15.20 -28.06 -3.42
N VAL A 664 -14.68 -27.17 -4.26
CA VAL A 664 -15.11 -27.10 -5.67
C VAL A 664 -14.64 -28.41 -6.34
N ARG A 665 -13.42 -28.85 -6.07
CA ARG A 665 -12.94 -30.14 -6.67
C ARG A 665 -13.82 -31.32 -6.23
N ALA A 666 -14.32 -31.28 -4.99
CA ALA A 666 -15.20 -32.33 -4.44
C ALA A 666 -16.65 -32.19 -4.92
N GLY A 667 -17.03 -31.16 -5.69
CA GLY A 667 -18.44 -30.93 -6.09
C GLY A 667 -19.28 -30.39 -4.95
N GLN A 668 -18.68 -29.94 -3.84
CA GLN A 668 -19.35 -29.43 -2.60
C GLN A 668 -19.54 -27.88 -2.63
N PHE A 669 -19.02 -27.23 -3.65
CA PHE A 669 -19.10 -25.76 -3.80
C PHE A 669 -18.88 -25.49 -5.27
N HIS A 670 -19.43 -24.39 -5.76
CA HIS A 670 -19.62 -24.12 -7.19
C HIS A 670 -19.36 -22.63 -7.43
N ILE A 671 -18.56 -22.29 -8.43
CA ILE A 671 -18.34 -20.88 -8.83
C ILE A 671 -18.92 -20.71 -10.23
N TYR A 672 -19.72 -19.67 -10.41
CA TYR A 672 -20.27 -19.29 -11.73
C TYR A 672 -19.74 -17.91 -12.06
N ALA A 673 -19.26 -17.72 -13.28
CA ALA A 673 -18.77 -16.43 -13.79
C ALA A 673 -19.74 -15.94 -14.86
N VAL A 674 -20.20 -14.69 -14.77
CA VAL A 674 -21.19 -14.14 -15.72
C VAL A 674 -20.68 -12.80 -16.24
N GLU A 675 -21.28 -12.42 -17.36
CA GLU A 675 -21.02 -11.18 -18.09
C GLU A 675 -22.25 -10.29 -18.01
N THR A 676 -23.46 -10.84 -17.81
CA THR A 676 -24.68 -10.02 -17.77
C THR A 676 -25.50 -10.36 -16.54
N ALA A 677 -26.26 -9.39 -16.07
CA ALA A 677 -27.22 -9.57 -14.98
C ALA A 677 -28.22 -10.68 -15.30
N GLU A 678 -28.77 -10.67 -16.52
CA GLU A 678 -29.69 -11.75 -16.96
C GLU A 678 -29.03 -13.14 -16.85
N GLN A 679 -27.73 -13.33 -17.14
CA GLN A 679 -27.06 -14.66 -17.00
C GLN A 679 -27.11 -15.09 -15.52
N ALA A 680 -27.00 -14.12 -14.62
CA ALA A 680 -27.07 -14.36 -13.17
C ALA A 680 -28.46 -14.78 -12.81
N LEU A 681 -29.47 -14.03 -13.28
CA LEU A 681 -30.87 -14.37 -12.97
C LEU A 681 -31.17 -15.80 -13.45
N GLU A 682 -30.70 -16.18 -14.63
CA GLU A 682 -31.02 -17.52 -15.20
C GLU A 682 -30.53 -18.63 -14.29
N ILE A 683 -29.32 -18.48 -13.75
CA ILE A 683 -28.75 -19.44 -12.78
C ILE A 683 -29.59 -19.45 -11.52
N LEU A 684 -29.90 -18.27 -10.97
CA LEU A 684 -30.62 -18.20 -9.68
C LEU A 684 -32.07 -18.74 -9.82
N ALA A 685 -32.77 -18.47 -10.92
CA ALA A 685 -34.20 -18.85 -11.08
C ALA A 685 -34.35 -20.21 -11.78
N GLY A 686 -33.24 -20.81 -12.22
CA GLY A 686 -33.14 -22.15 -12.79
C GLY A 686 -33.85 -22.23 -14.13
N ALA A 687 -33.80 -21.17 -14.95
CA ALA A 687 -34.40 -21.11 -16.31
C ALA A 687 -33.72 -20.07 -17.20
N ARG A 688 -34.00 -20.14 -18.49
CA ARG A 688 -33.47 -19.23 -19.53
C ARG A 688 -34.41 -18.04 -19.63
N MET A 689 -33.87 -16.88 -20.03
CA MET A 689 -34.69 -15.65 -20.23
C MET A 689 -35.74 -15.90 -21.33
N GLU A 690 -35.38 -16.63 -22.40
CA GLU A 690 -36.23 -16.87 -23.61
C GLU A 690 -36.57 -18.38 -23.65
N GLY A 691 -36.42 -19.05 -24.79
CA GLY A 691 -37.04 -20.40 -25.00
C GLY A 691 -38.47 -20.47 -24.45
N PHE A 692 -39.18 -19.32 -24.51
CA PHE A 692 -40.27 -18.83 -23.60
C PHE A 692 -41.42 -19.84 -23.43
N ARG A 693 -41.38 -20.72 -22.39
CA ARG A 693 -41.73 -20.35 -21.03
C ARG A 693 -40.54 -19.91 -20.16
N GLY A 694 -39.89 -18.83 -20.56
CA GLY A 694 -38.68 -18.29 -19.92
C GLY A 694 -39.05 -17.20 -18.94
N LEU A 695 -38.03 -16.61 -18.35
CA LEU A 695 -38.14 -15.57 -17.30
C LEU A 695 -38.63 -14.28 -17.91
N GLN A 696 -38.21 -13.91 -19.13
CA GLN A 696 -38.56 -12.59 -19.69
C GLN A 696 -40.09 -12.48 -19.75
N GLU A 697 -40.78 -13.51 -20.21
CA GLU A 697 -42.26 -13.41 -20.31
C GLU A 697 -42.85 -13.37 -18.88
N LYS A 698 -42.23 -13.99 -17.87
CA LYS A 698 -42.79 -13.89 -16.49
C LYS A 698 -42.58 -12.48 -15.93
N ILE A 699 -41.46 -11.87 -16.27
CA ILE A 699 -41.18 -10.47 -15.84
C ILE A 699 -42.19 -9.53 -16.48
N ARG A 700 -42.38 -9.64 -17.79
CA ARG A 700 -43.41 -8.87 -18.55
C ARG A 700 -44.79 -9.14 -17.95
N ALA A 701 -45.14 -10.37 -17.65
CA ALA A 701 -46.49 -10.63 -17.08
C ALA A 701 -46.61 -9.99 -15.69
N GLY A 702 -45.54 -9.93 -14.89
CA GLY A 702 -45.64 -9.27 -13.57
C GLY A 702 -45.85 -7.79 -13.77
N LEU A 703 -45.13 -7.18 -14.69
CA LEU A 703 -45.29 -5.72 -14.96
C LEU A 703 -46.72 -5.42 -15.45
N GLU A 704 -47.26 -6.23 -16.35
CA GLU A 704 -48.68 -6.11 -16.80
C GLU A 704 -49.60 -6.21 -15.57
N ALA A 705 -49.37 -7.15 -14.65
CA ALA A 705 -50.22 -7.29 -13.42
C ALA A 705 -50.15 -6.01 -12.60
N PHE A 706 -48.92 -5.52 -12.35
CA PHE A 706 -48.74 -4.30 -11.56
C PHE A 706 -49.42 -3.13 -12.30
N ALA A 707 -49.24 -3.03 -13.61
CA ALA A 707 -49.84 -1.91 -14.38
C ALA A 707 -51.38 -1.93 -14.24
N ARG A 708 -52.03 -3.09 -14.36
CA ARG A 708 -53.51 -3.21 -14.15
C ARG A 708 -53.88 -2.76 -12.73
N LEU A 709 -53.15 -3.17 -11.68
CA LEU A 709 -53.49 -2.80 -10.27
C LEU A 709 -53.37 -1.29 -10.11
N GLU A 710 -52.40 -0.68 -10.79
CA GLU A 710 -52.02 0.75 -10.69
C GLU A 710 -52.99 1.66 -11.48
N GLU A 711 -53.85 1.11 -12.36
CA GLU A 711 -54.83 1.91 -13.15
C GLU A 711 -56.25 1.33 -12.93
N GLY A 712 -57.03 1.97 -12.06
CA GLY A 712 -58.40 1.51 -11.71
C GLY A 712 -58.37 0.22 -10.92
N ALA B 1 -18.51 -0.63 9.52
CA ALA B 1 -18.76 -0.33 8.10
C ALA B 1 -18.50 -1.58 7.23
N VAL B 2 -19.30 -1.80 6.19
CA VAL B 2 -18.99 -2.87 5.20
C VAL B 2 -18.80 -2.16 3.86
N ALA B 4 -19.11 -3.29 -0.39
CA ALA B 4 -19.46 -4.16 -1.52
C ALA B 4 -18.54 -3.74 -2.70
#